data_5IGS
#
_entry.id   5IGS
#
_cell.length_a   45.170
_cell.length_b   45.170
_cell.length_c   247.140
_cell.angle_alpha   90.00
_cell.angle_beta   90.00
_cell.angle_gamma   120.00
#
_symmetry.space_group_name_H-M   'P 32 2 1'
#
loop_
_entity.id
_entity.type
_entity.pdbx_description
1 polymer "Macrolide 2'-phosphotransferase"
2 non-polymer 'ISOPROPYL ALCOHOL'
3 non-polymer '(3S,5R,6S,7R,8R,11R,12S,13R,14S,15S)-6-HYDROXY-5,7,8,11,13,15-HEXAMETHYL-4,10-DIOXO-14-{[3,4,6-TRIDEOXY-3-(DIMETHYLAMINO)-BETA-D-XYLO-HEXOPYRANOSYL]OXY}-1,9-DIOXASPIRO[2.13]HEXADEC-12-YL 2,6-DIDEOXY-3-O-METHYL-ALPHA-L-ARABINO-HEXOPYRANOSIDE'
4 non-polymer GUANOSINE
5 water water
#
_entity_poly.entity_id   1
_entity_poly.type   'polypeptide(L)'
_entity_poly.pdbx_seq_one_letter_code
;MTVVTTADTSQLYALAARHGLKLHGPLTVNELGLDYRIVIATVDDGRRWVLRIPRRAEVSAKVEPEARVLAMLKNRLPFA
VPDWRVANAELVAYPMLEDSTAMVIQPGSSTPDWVVPQDSEVFAESFATALAALHAVPISAAVDAGMLIRTPTQARQKVA
DDVDRVRREFVVNDKRLHRWQRWLDDDSSWPDFSVVVHGDLYVGHVLIDNTERVSGMIDWSEARVDDPAIDMAAHLMVFG
EEGLAKLLLTYEAAGGRVWPRLAHHIAERLAFGAVTYALFALDSGNEEYLAAAKAQLAAAE
;
_entity_poly.pdbx_strand_id   A
#
loop_
_chem_comp.id
_chem_comp.type
_chem_comp.name
_chem_comp.formula
GMP non-polymer GUANOSINE 'C10 H13 N5 O5'
IPA non-polymer 'ISOPROPYL ALCOHOL' 'C3 H8 O'
ZIO non-polymer '(3S,5R,6S,7R,8R,11R,12S,13R,14S,15S)-6-HYDROXY-5,7,8,11,13,15-HEXAMETHYL-4,10-DIOXO-14-{[3,4,6-TRIDEOXY-3-(DIMETHYLAMINO)-BETA-D-XYLO-HEXOPYRANOSYL]OXY}-1,9-DIOXASPIRO[2.13]HEXADEC-12-YL 2,6-DIDEOXY-3-O-METHYL-ALPHA-L-ARABINO-HEXOPYRANOSIDE' 'C35 H61 N O12'
#
# COMPACT_ATOMS: atom_id res chain seq x y z
N THR A 2 22.99 -4.48 -32.88
CA THR A 2 22.00 -3.74 -32.09
C THR A 2 20.96 -4.69 -31.52
N VAL A 3 20.53 -4.43 -30.28
CA VAL A 3 19.52 -5.24 -29.62
C VAL A 3 18.39 -4.35 -29.09
N VAL A 4 17.18 -4.63 -29.53
CA VAL A 4 16.03 -3.90 -29.00
C VAL A 4 15.87 -4.22 -27.54
N THR A 5 15.72 -3.17 -26.73
CA THR A 5 15.52 -3.32 -25.29
C THR A 5 14.28 -2.55 -24.89
N THR A 6 13.63 -2.98 -23.82
CA THR A 6 12.39 -2.34 -23.39
C THR A 6 12.64 -0.93 -22.88
N ALA A 7 13.73 -0.71 -22.13
CA ALA A 7 14.01 0.63 -21.61
C ALA A 7 14.57 1.55 -22.69
N ASP A 8 14.16 2.82 -22.65
CA ASP A 8 14.73 3.84 -23.52
C ASP A 8 15.82 4.57 -22.75
N THR A 9 17.05 4.08 -22.84
CA THR A 9 18.12 4.57 -21.98
C THR A 9 18.41 6.05 -22.22
N SER A 10 18.36 6.52 -23.45
CA SER A 10 18.65 7.92 -23.71
C SER A 10 17.55 8.84 -23.14
N GLN A 11 16.29 8.45 -23.26
CA GLN A 11 15.22 9.25 -22.69
C GLN A 11 15.29 9.25 -21.17
N LEU A 12 15.56 8.08 -20.57
CA LEU A 12 15.65 8.00 -19.13
C LEU A 12 16.85 8.81 -18.62
N TYR A 13 17.94 8.78 -19.34
CA TYR A 13 19.13 9.51 -18.94
C TYR A 13 18.80 11.00 -18.89
N ALA A 14 18.17 11.49 -19.94
CA ALA A 14 17.86 12.91 -20.05
C ALA A 14 16.92 13.35 -18.93
N LEU A 15 15.92 12.52 -18.66
CA LEU A 15 14.95 12.81 -17.61
C LEU A 15 15.65 12.90 -16.26
N ALA A 16 16.46 11.90 -15.94
CA ALA A 16 17.17 11.89 -14.66
C ALA A 16 18.13 13.08 -14.56
N ALA A 17 18.83 13.38 -15.64
CA ALA A 17 19.80 14.45 -15.63
C ALA A 17 19.16 15.81 -15.35
N ARG A 18 17.92 16.00 -15.79
CA ARG A 18 17.20 17.26 -15.54
C ARG A 18 16.92 17.44 -14.05
N HIS A 19 17.09 16.38 -13.28
CA HIS A 19 16.84 16.44 -11.83
C HIS A 19 18.06 16.05 -11.03
N GLY A 20 19.22 16.17 -11.64
CA GLY A 20 20.48 16.06 -10.92
C GLY A 20 20.99 14.66 -10.68
N LEU A 21 20.43 13.68 -11.38
CA LEU A 21 20.88 12.30 -11.30
C LEU A 21 21.53 11.88 -12.62
N LYS A 22 22.73 11.31 -12.52
CA LYS A 22 23.46 10.88 -13.69
C LYS A 22 23.40 9.36 -13.79
N LEU A 23 22.60 8.84 -14.71
CA LEU A 23 22.46 7.39 -14.85
C LEU A 23 23.69 6.82 -15.50
N HIS A 24 24.13 5.69 -14.98
CA HIS A 24 25.28 4.99 -15.52
C HIS A 24 25.27 3.56 -15.02
N GLY A 25 25.23 2.59 -15.94
CA GLY A 25 25.21 1.21 -15.53
C GLY A 25 23.84 0.54 -15.70
N PRO A 26 23.70 -0.65 -15.12
CA PRO A 26 22.53 -1.49 -15.34
C PRO A 26 21.21 -0.83 -14.92
N LEU A 27 20.17 -1.05 -15.69
CA LEU A 27 18.84 -0.75 -15.21
C LEU A 27 17.78 -1.81 -15.58
N THR A 28 16.62 -1.68 -14.93
N THR A 28 16.64 -1.73 -14.88
CA THR A 28 15.50 -2.61 -15.07
CA THR A 28 15.49 -2.58 -15.13
C THR A 28 14.17 -1.83 -15.02
C THR A 28 14.22 -1.74 -15.14
N VAL A 29 13.23 -2.16 -15.91
CA VAL A 29 12.03 -1.36 -16.09
C VAL A 29 10.74 -2.14 -15.90
N ASN A 30 9.81 -1.58 -15.12
CA ASN A 30 8.50 -2.17 -14.93
C ASN A 30 7.46 -1.20 -15.48
N GLU A 31 6.88 -1.56 -16.61
CA GLU A 31 5.94 -0.72 -17.33
C GLU A 31 4.51 -1.17 -17.09
N LEU A 32 4.31 -2.11 -16.17
CA LEU A 32 2.99 -2.71 -16.02
C LEU A 32 2.10 -1.92 -15.07
N GLY A 33 2.69 -0.96 -14.37
CA GLY A 33 1.92 -0.08 -13.51
C GLY A 33 1.01 0.79 -14.35
N LEU A 34 -0.23 0.95 -13.90
CA LEU A 34 -1.19 1.77 -14.63
C LEU A 34 -0.92 3.26 -14.50
N ASP A 35 -0.24 3.67 -13.44
CA ASP A 35 -0.06 5.09 -13.14
C ASP A 35 1.39 5.57 -13.20
N TYR A 36 2.34 4.67 -12.97
CA TYR A 36 3.76 5.00 -12.97
C TYR A 36 4.54 3.98 -13.78
N ARG A 37 5.63 4.43 -14.38
CA ARG A 37 6.67 3.53 -14.85
C ARG A 37 7.70 3.48 -13.72
N ILE A 38 8.19 2.29 -13.39
CA ILE A 38 9.14 2.13 -12.29
C ILE A 38 10.41 1.59 -12.88
N VAL A 39 11.49 2.35 -12.75
CA VAL A 39 12.78 1.93 -13.26
C VAL A 39 13.73 1.87 -12.08
N ILE A 40 14.51 0.81 -11.97
CA ILE A 40 15.58 0.76 -10.99
C ILE A 40 16.87 0.89 -11.79
N ALA A 41 17.60 1.96 -11.52
CA ALA A 41 18.74 2.37 -12.32
C ALA A 41 19.95 2.57 -11.48
N THR A 42 21.11 2.33 -12.05
CA THR A 42 22.34 2.60 -11.36
C THR A 42 22.75 4.02 -11.70
N VAL A 43 23.29 4.72 -10.71
CA VAL A 43 23.67 6.11 -10.87
C VAL A 43 25.18 6.20 -10.65
N ASP A 44 25.78 7.31 -11.04
CA ASP A 44 27.23 7.46 -10.96
C ASP A 44 27.74 7.44 -9.51
N ASP A 45 26.83 7.44 -8.54
CA ASP A 45 27.26 7.21 -7.15
C ASP A 45 27.49 5.72 -6.86
N GLY A 46 27.37 4.87 -7.89
CA GLY A 46 27.49 3.42 -7.73
C GLY A 46 26.23 2.79 -7.17
N ARG A 47 25.34 3.65 -6.69
CA ARG A 47 24.14 3.21 -6.00
C ARG A 47 23.00 2.99 -6.98
N ARG A 48 22.11 2.07 -6.65
CA ARG A 48 20.85 1.99 -7.36
C ARG A 48 19.83 2.99 -6.83
N TRP A 49 19.07 3.57 -7.75
CA TRP A 49 17.98 4.46 -7.42
C TRP A 49 16.71 3.96 -8.10
N VAL A 50 15.58 4.22 -7.46
CA VAL A 50 14.28 3.96 -8.04
C VAL A 50 13.77 5.24 -8.67
N LEU A 51 13.41 5.14 -9.96
CA LEU A 51 12.80 6.21 -10.70
C LEU A 51 11.33 5.86 -10.81
N ARG A 52 10.51 6.69 -10.18
CA ARG A 52 9.07 6.53 -10.15
C ARG A 52 8.52 7.63 -11.05
N ILE A 53 8.10 7.24 -12.25
CA ILE A 53 7.82 8.20 -13.31
C ILE A 53 6.31 8.29 -13.51
N PRO A 54 5.70 9.41 -13.08
CA PRO A 54 4.25 9.51 -13.28
C PRO A 54 3.89 9.51 -14.77
N ARG A 55 2.83 8.78 -15.13
CA ARG A 55 2.45 8.67 -16.53
C ARG A 55 1.62 9.84 -17.05
N ARG A 56 0.87 10.50 -16.17
CA ARG A 56 -0.13 11.46 -16.61
C ARG A 56 -0.29 12.55 -15.59
N ALA A 57 -0.87 13.66 -16.05
CA ALA A 57 -1.06 14.82 -15.19
C ALA A 57 -1.78 14.51 -13.88
N GLU A 58 -2.79 13.64 -13.94
CA GLU A 58 -3.57 13.32 -12.76
C GLU A 58 -2.76 12.54 -11.75
N VAL A 59 -1.77 11.80 -12.22
CA VAL A 59 -0.87 11.10 -11.30
C VAL A 59 0.17 12.07 -10.75
N SER A 60 0.73 12.89 -11.61
CA SER A 60 1.71 13.91 -11.20
C SER A 60 1.17 14.78 -10.06
N ALA A 61 -0.13 15.07 -10.09
CA ALA A 61 -0.76 15.88 -9.06
C ALA A 61 -0.64 15.33 -7.65
N LYS A 62 -0.36 14.03 -7.54
CA LYS A 62 -0.31 13.38 -6.24
C LYS A 62 1.08 13.38 -5.64
N VAL A 63 2.07 13.80 -6.40
CA VAL A 63 3.46 13.72 -5.96
C VAL A 63 3.71 14.62 -4.76
N GLU A 64 3.30 15.88 -4.83
CA GLU A 64 3.68 16.81 -3.79
C GLU A 64 3.07 16.46 -2.43
N PRO A 65 1.80 16.06 -2.41
CA PRO A 65 1.28 15.66 -1.09
C PRO A 65 1.98 14.41 -0.52
N GLU A 66 2.33 13.43 -1.37
CA GLU A 66 2.99 12.25 -0.85
C GLU A 66 4.37 12.61 -0.36
N ALA A 67 5.02 13.57 -1.02
CA ALA A 67 6.34 13.98 -0.60
C ALA A 67 6.29 14.53 0.85
N ARG A 68 5.26 15.30 1.16
CA ARG A 68 5.09 15.86 2.51
C ARG A 68 4.88 14.75 3.54
N VAL A 69 4.10 13.72 3.18
CA VAL A 69 3.94 12.56 4.04
C VAL A 69 5.26 11.91 4.38
N LEU A 70 6.04 11.56 3.34
CA LEU A 70 7.29 10.88 3.58
C LEU A 70 8.27 11.72 4.35
N ALA A 71 8.25 13.03 4.14
CA ALA A 71 9.16 13.91 4.88
C ALA A 71 8.82 13.91 6.35
N MET A 72 7.52 13.82 6.66
CA MET A 72 7.12 13.77 8.05
C MET A 72 7.47 12.45 8.70
N LEU A 73 7.28 11.38 7.93
CA LEU A 73 7.41 10.06 8.51
C LEU A 73 8.87 9.69 8.78
N LYS A 74 9.80 10.29 8.07
CA LYS A 74 11.18 9.77 8.05
C LYS A 74 11.74 9.58 9.48
N ASN A 75 11.73 10.63 10.30
CA ASN A 75 12.25 10.49 11.67
C ASN A 75 11.33 9.80 12.67
N ARG A 76 10.09 9.57 12.28
CA ARG A 76 9.09 9.09 13.22
C ARG A 76 8.79 7.62 13.07
N LEU A 77 9.58 6.90 12.26
CA LEU A 77 9.44 5.46 12.12
C LEU A 77 10.80 4.80 12.36
N PRO A 78 10.81 3.65 13.07
CA PRO A 78 12.03 2.87 13.35
C PRO A 78 12.37 1.90 12.24
N PHE A 79 11.97 2.26 11.02
CA PHE A 79 12.30 1.50 9.84
C PHE A 79 12.35 2.50 8.69
N ALA A 80 12.92 2.10 7.57
CA ALA A 80 13.16 3.00 6.46
C ALA A 80 11.92 3.19 5.60
N VAL A 81 11.84 4.38 4.99
CA VAL A 81 10.86 4.69 3.96
C VAL A 81 11.61 5.38 2.82
N PRO A 82 11.02 5.39 1.62
CA PRO A 82 11.74 6.03 0.50
C PRO A 82 12.10 7.48 0.82
N ASP A 83 13.32 7.86 0.46
CA ASP A 83 13.87 9.18 0.68
C ASP A 83 13.82 9.86 -0.67
N TRP A 84 12.73 10.58 -0.90
CA TRP A 84 12.47 11.22 -2.20
C TRP A 84 13.32 12.47 -2.41
N ARG A 85 14.58 12.25 -2.74
N ARG A 85 14.58 12.26 -2.79
CA ARG A 85 15.50 13.35 -2.98
CA ARG A 85 15.53 13.33 -2.98
C ARG A 85 15.04 14.15 -4.19
C ARG A 85 15.22 14.09 -4.26
N VAL A 86 14.44 13.46 -5.15
CA VAL A 86 13.78 14.12 -6.26
C VAL A 86 12.29 13.87 -6.14
N ALA A 87 11.48 14.93 -6.21
CA ALA A 87 10.03 14.81 -6.16
C ALA A 87 9.39 15.94 -6.90
N ASN A 88 8.97 15.66 -8.11
CA ASN A 88 8.27 16.63 -8.92
C ASN A 88 7.36 15.96 -9.92
N ALA A 89 6.64 16.77 -10.68
CA ALA A 89 5.60 16.24 -11.53
C ALA A 89 6.11 15.26 -12.56
N GLU A 90 7.34 15.44 -13.03
CA GLU A 90 7.84 14.52 -14.06
C GLU A 90 8.64 13.35 -13.52
N LEU A 91 9.12 13.41 -12.28
CA LEU A 91 9.95 12.35 -11.73
C LEU A 91 9.97 12.37 -10.21
N VAL A 92 9.79 11.20 -9.62
CA VAL A 92 10.18 10.95 -8.25
C VAL A 92 11.38 10.01 -8.30
N ALA A 93 12.39 10.26 -7.46
CA ALA A 93 13.53 9.37 -7.39
C ALA A 93 14.04 9.30 -5.98
N TYR A 94 14.43 8.09 -5.60
CA TYR A 94 14.98 7.83 -4.27
C TYR A 94 16.01 6.75 -4.36
N PRO A 95 17.01 6.79 -3.46
CA PRO A 95 17.97 5.70 -3.44
C PRO A 95 17.21 4.41 -3.12
N MET A 96 17.52 3.34 -3.84
N MET A 96 17.57 3.35 -3.83
CA MET A 96 16.84 2.09 -3.60
CA MET A 96 16.95 2.04 -3.64
C MET A 96 17.11 1.64 -2.18
C MET A 96 17.14 1.54 -2.21
N LEU A 97 16.05 1.14 -1.55
CA LEU A 97 16.17 0.44 -0.27
C LEU A 97 16.44 -1.02 -0.66
N GLU A 98 17.68 -1.44 -0.50
CA GLU A 98 18.08 -2.69 -1.15
C GLU A 98 17.53 -3.96 -0.53
N ASP A 99 17.04 -3.88 0.70
CA ASP A 99 16.43 -5.05 1.32
C ASP A 99 15.25 -5.55 0.48
N SER A 100 15.07 -6.85 0.46
CA SER A 100 13.99 -7.46 -0.30
C SER A 100 12.62 -7.10 0.22
N THR A 101 11.65 -7.05 -0.68
CA THR A 101 10.26 -7.12 -0.26
C THR A 101 9.98 -8.49 0.39
N ALA A 102 8.93 -8.56 1.20
CA ALA A 102 8.58 -9.78 1.92
C ALA A 102 7.76 -10.75 1.08
N MET A 103 7.46 -10.32 -0.13
CA MET A 103 6.96 -11.17 -1.20
C MET A 103 7.76 -10.82 -2.43
N VAL A 104 8.20 -11.86 -3.14
CA VAL A 104 8.93 -11.71 -4.38
C VAL A 104 8.06 -12.21 -5.52
N ILE A 105 7.83 -11.38 -6.52
CA ILE A 105 6.98 -11.78 -7.63
C ILE A 105 7.56 -11.16 -8.89
N GLN A 106 7.53 -11.92 -9.98
CA GLN A 106 8.09 -11.47 -11.24
C GLN A 106 7.05 -10.62 -11.91
N PRO A 107 7.47 -9.48 -12.47
CA PRO A 107 6.48 -8.60 -13.12
C PRO A 107 5.66 -9.35 -14.17
N GLY A 108 4.35 -9.15 -14.14
CA GLY A 108 3.45 -9.82 -15.07
C GLY A 108 2.81 -11.07 -14.48
N SER A 109 3.55 -11.75 -13.61
N SER A 109 3.54 -11.73 -13.59
CA SER A 109 3.08 -12.99 -13.00
CA SER A 109 3.09 -12.98 -12.99
C SER A 109 1.99 -12.73 -11.97
C SER A 109 2.00 -12.73 -11.96
N SER A 110 1.06 -13.67 -11.85
CA SER A 110 0.03 -13.61 -10.82
C SER A 110 0.37 -14.51 -9.63
N THR A 111 1.48 -15.24 -9.74
CA THR A 111 1.93 -16.11 -8.65
C THR A 111 3.31 -15.68 -8.16
N PRO A 112 3.41 -15.36 -6.86
CA PRO A 112 4.73 -14.97 -6.35
C PRO A 112 5.70 -16.13 -6.39
N ASP A 113 6.98 -15.82 -6.50
CA ASP A 113 8.02 -16.82 -6.33
C ASP A 113 8.11 -17.24 -4.88
N TRP A 114 7.87 -16.30 -3.97
CA TRP A 114 8.18 -16.52 -2.58
C TRP A 114 7.44 -15.51 -1.73
N VAL A 115 7.02 -15.96 -0.55
CA VAL A 115 6.46 -15.05 0.47
C VAL A 115 7.11 -15.48 1.78
N VAL A 116 7.43 -14.50 2.62
CA VAL A 116 8.01 -14.80 3.91
C VAL A 116 7.14 -15.85 4.63
N PRO A 117 7.77 -16.88 5.22
CA PRO A 117 6.99 -17.99 5.78
C PRO A 117 6.08 -17.61 6.95
N GLN A 118 4.97 -18.30 6.99
CA GLN A 118 4.02 -18.24 8.08
C GLN A 118 4.73 -18.40 9.43
N ASP A 119 5.66 -19.34 9.48
CA ASP A 119 6.30 -19.67 10.76
C ASP A 119 7.52 -18.82 11.05
N SER A 120 7.74 -17.76 10.27
CA SER A 120 8.79 -16.81 10.60
C SER A 120 8.37 -15.93 11.76
N GLU A 121 8.90 -16.24 12.93
CA GLU A 121 8.53 -15.51 14.12
C GLU A 121 9.13 -14.13 14.06
N VAL A 122 10.36 -14.01 13.55
CA VAL A 122 11.00 -12.71 13.43
C VAL A 122 10.18 -11.79 12.52
N PHE A 123 9.72 -12.28 11.38
CA PHE A 123 8.87 -11.44 10.56
C PHE A 123 7.56 -11.06 11.26
N ALA A 124 6.87 -12.04 11.80
CA ALA A 124 5.57 -11.77 12.40
C ALA A 124 5.71 -10.73 13.51
N GLU A 125 6.68 -10.94 14.38
CA GLU A 125 6.89 -10.10 15.53
C GLU A 125 7.28 -8.68 15.11
N SER A 126 8.23 -8.57 14.20
CA SER A 126 8.72 -7.26 13.80
C SER A 126 7.69 -6.51 12.93
N PHE A 127 6.85 -7.24 12.19
CA PHE A 127 5.79 -6.57 11.46
C PHE A 127 4.80 -5.98 12.46
N ALA A 128 4.44 -6.75 13.49
CA ALA A 128 3.49 -6.27 14.48
C ALA A 128 4.04 -5.03 15.20
N THR A 129 5.30 -5.03 15.61
CA THR A 129 5.85 -3.86 16.28
C THR A 129 6.02 -2.68 15.33
N ALA A 130 6.36 -2.94 14.07
CA ALA A 130 6.49 -1.87 13.10
C ALA A 130 5.15 -1.21 12.88
N LEU A 131 4.09 -2.01 12.82
CA LEU A 131 2.77 -1.48 12.60
C LEU A 131 2.32 -0.66 13.81
N ALA A 132 2.59 -1.15 15.02
CA ALA A 132 2.25 -0.37 16.21
C ALA A 132 3.00 0.96 16.15
N ALA A 133 4.24 0.95 15.69
CA ALA A 133 4.99 2.19 15.64
C ALA A 133 4.36 3.17 14.66
N LEU A 134 3.99 2.67 13.47
CA LEU A 134 3.35 3.52 12.48
C LEU A 134 2.06 4.12 13.03
N HIS A 135 1.26 3.28 13.67
CA HIS A 135 -0.03 3.74 14.15
C HIS A 135 0.09 4.64 15.37
N ALA A 136 1.30 4.76 15.92
CA ALA A 136 1.57 5.69 17.02
C ALA A 136 2.02 7.08 16.54
N VAL A 137 2.18 7.27 15.23
CA VAL A 137 2.59 8.59 14.73
C VAL A 137 1.47 9.57 15.12
N PRO A 138 1.83 10.70 15.76
CA PRO A 138 0.75 11.58 16.23
C PRO A 138 -0.09 12.16 15.10
N ILE A 139 -1.40 12.24 15.33
CA ILE A 139 -2.29 12.88 14.39
C ILE A 139 -1.84 14.32 14.10
N SER A 140 -1.35 15.02 15.12
CA SER A 140 -0.89 16.39 14.89
C SER A 140 0.18 16.43 13.78
N ALA A 141 1.07 15.45 13.76
CA ALA A 141 2.13 15.38 12.72
C ALA A 141 1.51 15.17 11.35
N ALA A 142 0.48 14.35 11.29
CA ALA A 142 -0.21 14.12 10.02
C ALA A 142 -0.90 15.41 9.54
N VAL A 143 -1.57 16.12 10.45
CA VAL A 143 -2.24 17.37 10.09
C VAL A 143 -1.22 18.43 9.62
N ASP A 144 -0.13 18.52 10.36
CA ASP A 144 0.92 19.49 10.04
C ASP A 144 1.50 19.19 8.65
N ALA A 145 1.50 17.91 8.24
CA ALA A 145 2.02 17.48 6.92
C ALA A 145 0.97 17.50 5.82
N GLY A 146 -0.23 17.97 6.13
CA GLY A 146 -1.25 18.15 5.11
C GLY A 146 -1.92 16.85 4.68
N MET A 147 -1.83 15.85 5.54
CA MET A 147 -2.40 14.55 5.19
C MET A 147 -3.92 14.61 5.13
N LEU A 148 -4.47 13.68 4.37
CA LEU A 148 -5.89 13.41 4.39
C LEU A 148 -6.27 12.83 5.74
N ILE A 149 -7.23 13.46 6.39
CA ILE A 149 -7.65 13.06 7.73
C ILE A 149 -9.09 12.60 7.69
N ARG A 150 -9.34 11.41 8.22
CA ARG A 150 -10.70 10.94 8.44
C ARG A 150 -10.93 10.63 9.91
N THR A 151 -11.90 11.32 10.52
CA THR A 151 -12.41 10.93 11.83
C THR A 151 -13.06 9.57 11.71
N PRO A 152 -13.39 8.96 12.86
CA PRO A 152 -14.11 7.69 12.75
C PRO A 152 -15.40 7.79 11.90
N THR A 153 -16.16 8.88 12.06
CA THR A 153 -17.37 9.08 11.28
C THR A 153 -17.02 9.19 9.79
N GLN A 154 -15.98 9.95 9.47
CA GLN A 154 -15.58 10.09 8.08
C GLN A 154 -15.04 8.79 7.50
N ALA A 155 -14.39 7.99 8.32
CA ALA A 155 -13.85 6.72 7.85
C ALA A 155 -14.99 5.78 7.45
N ARG A 156 -16.03 5.75 8.27
CA ARG A 156 -17.17 4.89 8.03
C ARG A 156 -17.94 5.42 6.80
N GLN A 157 -18.06 6.74 6.69
CA GLN A 157 -18.73 7.35 5.53
C GLN A 157 -18.01 7.02 4.22
N LYS A 158 -16.69 6.97 4.26
CA LYS A 158 -15.90 6.63 3.07
C LYS A 158 -16.23 5.23 2.61
N VAL A 159 -16.26 4.29 3.53
CA VAL A 159 -16.65 2.94 3.19
C VAL A 159 -18.07 2.91 2.61
N ALA A 160 -18.99 3.61 3.25
CA ALA A 160 -20.34 3.69 2.72
C ALA A 160 -20.38 4.25 1.31
N ASP A 161 -19.61 5.30 1.05
CA ASP A 161 -19.57 5.92 -0.27
C ASP A 161 -19.01 4.96 -1.31
N ASP A 162 -17.99 4.21 -0.95
CA ASP A 162 -17.38 3.29 -1.89
C ASP A 162 -18.36 2.17 -2.24
N VAL A 163 -19.01 1.62 -1.22
CA VAL A 163 -20.03 0.60 -1.43
C VAL A 163 -21.11 1.15 -2.35
N ASP A 164 -21.59 2.36 -2.08
CA ASP A 164 -22.63 2.95 -2.91
C ASP A 164 -22.20 3.19 -4.35
N ARG A 165 -20.94 3.56 -4.56
CA ARG A 165 -20.45 3.78 -5.91
C ARG A 165 -20.41 2.46 -6.67
N VAL A 166 -19.93 1.40 -6.03
CA VAL A 166 -19.98 0.09 -6.64
C VAL A 166 -21.41 -0.33 -6.98
N ARG A 167 -22.35 -0.06 -6.08
CA ARG A 167 -23.74 -0.43 -6.33
C ARG A 167 -24.33 0.29 -7.54
N ARG A 168 -23.86 1.52 -7.79
N ARG A 168 -23.87 1.51 -7.80
CA ARG A 168 -24.32 2.35 -8.92
CA ARG A 168 -24.38 2.25 -8.96
C ARG A 168 -23.75 1.94 -10.28
C ARG A 168 -23.84 1.70 -10.28
N GLU A 169 -22.58 1.33 -10.27
CA GLU A 169 -21.85 1.06 -11.50
C GLU A 169 -21.84 -0.41 -11.88
N PHE A 170 -22.09 -1.27 -10.90
CA PHE A 170 -22.00 -2.70 -11.08
C PHE A 170 -23.24 -3.39 -10.56
N VAL A 171 -23.39 -4.67 -10.85
CA VAL A 171 -24.46 -5.47 -10.26
C VAL A 171 -23.80 -6.47 -9.32
N VAL A 172 -24.17 -6.40 -8.06
CA VAL A 172 -23.48 -7.08 -6.99
C VAL A 172 -24.36 -8.19 -6.42
N ASN A 173 -23.76 -9.33 -6.11
CA ASN A 173 -24.44 -10.42 -5.43
C ASN A 173 -25.21 -9.93 -4.21
N ASP A 174 -26.45 -10.38 -4.07
CA ASP A 174 -27.32 -9.86 -3.04
C ASP A 174 -26.73 -10.07 -1.63
N LYS A 175 -26.13 -11.22 -1.39
CA LYS A 175 -25.60 -11.52 -0.07
C LYS A 175 -24.36 -10.70 0.25
N ARG A 176 -23.56 -10.42 -0.77
CA ARG A 176 -22.40 -9.56 -0.62
C ARG A 176 -22.86 -8.19 -0.18
N LEU A 177 -23.85 -7.65 -0.89
CA LEU A 177 -24.35 -6.34 -0.57
C LEU A 177 -24.85 -6.31 0.86
N HIS A 178 -25.55 -7.35 1.26
CA HIS A 178 -26.13 -7.40 2.59
C HIS A 178 -25.03 -7.47 3.64
N ARG A 179 -23.97 -8.20 3.33
CA ARG A 179 -22.83 -8.27 4.23
C ARG A 179 -22.26 -6.89 4.49
N TRP A 180 -21.99 -6.15 3.42
CA TRP A 180 -21.39 -4.83 3.57
C TRP A 180 -22.35 -3.92 4.35
N GLN A 181 -23.63 -3.99 4.07
CA GLN A 181 -24.58 -3.09 4.75
C GLN A 181 -24.68 -3.42 6.22
N ARG A 182 -24.74 -4.71 6.54
CA ARG A 182 -24.77 -5.14 7.93
C ARG A 182 -23.53 -4.65 8.67
N TRP A 183 -22.38 -4.75 8.01
CA TRP A 183 -21.14 -4.28 8.60
C TRP A 183 -21.21 -2.78 8.88
N LEU A 184 -21.65 -2.01 7.88
CA LEU A 184 -21.76 -0.58 8.04
C LEU A 184 -22.72 -0.19 9.16
N ASP A 185 -23.71 -1.03 9.41
CA ASP A 185 -24.70 -0.79 10.48
C ASP A 185 -24.31 -1.39 11.84
N ASP A 186 -23.19 -2.08 11.91
CA ASP A 186 -22.81 -2.80 13.13
C ASP A 186 -21.89 -1.92 13.97
N ASP A 187 -22.48 -1.07 14.81
CA ASP A 187 -21.71 -0.09 15.55
C ASP A 187 -20.49 -0.68 16.27
N SER A 188 -20.64 -1.87 16.86
CA SER A 188 -19.59 -2.45 17.69
C SER A 188 -18.36 -2.84 16.90
N SER A 189 -18.48 -2.95 15.58
CA SER A 189 -17.34 -3.36 14.78
C SER A 189 -16.34 -2.21 14.60
N TRP A 190 -16.86 -0.97 14.55
CA TRP A 190 -16.10 0.20 14.11
C TRP A 190 -15.29 0.83 15.25
N PRO A 191 -14.06 1.23 14.95
CA PRO A 191 -13.28 1.92 15.98
C PRO A 191 -13.77 3.35 16.26
N ASP A 192 -13.53 3.86 17.45
N ASP A 192 -13.51 3.76 17.49
CA ASP A 192 -13.89 5.25 17.74
CA ASP A 192 -13.80 5.10 17.97
C ASP A 192 -12.68 6.16 17.69
C ASP A 192 -12.58 6.02 17.91
N PHE A 193 -11.64 5.71 17.01
CA PHE A 193 -10.46 6.53 16.77
C PHE A 193 -9.92 6.17 15.40
N SER A 194 -9.06 7.05 14.90
CA SER A 194 -8.32 6.84 13.67
C SER A 194 -6.85 6.99 13.99
N VAL A 195 -6.03 6.48 13.08
CA VAL A 195 -4.56 6.52 13.18
C VAL A 195 -3.96 6.80 11.82
N VAL A 196 -2.67 7.16 11.81
CA VAL A 196 -1.92 7.19 10.56
C VAL A 196 -1.79 5.78 10.02
N VAL A 197 -2.34 5.54 8.84
CA VAL A 197 -2.25 4.25 8.17
C VAL A 197 -1.44 4.38 6.89
N HIS A 198 -0.78 3.27 6.55
CA HIS A 198 -0.07 3.15 5.30
C HIS A 198 -1.05 3.13 4.11
N GLY A 199 -2.13 2.37 4.24
CA GLY A 199 -3.22 2.37 3.25
C GLY A 199 -3.12 1.38 2.11
N ASP A 200 -1.92 0.85 1.88
CA ASP A 200 -1.70 -0.18 0.86
C ASP A 200 -0.70 -1.20 1.37
N LEU A 201 -0.93 -1.69 2.57
CA LEU A 201 0.08 -2.46 3.30
C LEU A 201 -0.16 -3.94 3.17
N TYR A 202 0.82 -4.63 2.60
CA TYR A 202 0.81 -6.09 2.47
C TYR A 202 2.27 -6.47 2.27
N VAL A 203 2.53 -7.77 2.25
CA VAL A 203 3.90 -8.23 2.15
C VAL A 203 4.69 -7.65 0.98
N GLY A 204 4.02 -7.34 -0.13
CA GLY A 204 4.71 -6.76 -1.28
C GLY A 204 5.25 -5.35 -1.07
N HIS A 205 4.78 -4.67 -0.01
CA HIS A 205 5.21 -3.30 0.28
C HIS A 205 5.97 -3.20 1.59
N VAL A 206 6.34 -4.35 2.13
CA VAL A 206 7.17 -4.40 3.33
C VAL A 206 8.54 -4.93 2.96
N LEU A 207 9.59 -4.28 3.45
CA LEU A 207 10.96 -4.71 3.23
C LEU A 207 11.46 -5.41 4.47
N ILE A 208 12.30 -6.42 4.23
CA ILE A 208 12.88 -7.21 5.30
C ILE A 208 14.37 -7.36 5.11
N ASP A 209 15.10 -7.44 6.20
CA ASP A 209 16.51 -7.74 6.11
C ASP A 209 16.68 -9.25 5.93
N ASN A 210 17.89 -9.74 5.77
CA ASN A 210 18.02 -11.14 5.43
C ASN A 210 17.69 -12.10 6.59
N THR A 211 17.49 -11.56 7.79
CA THR A 211 16.95 -12.35 8.90
C THR A 211 15.42 -12.38 8.94
N GLU A 212 14.81 -11.67 7.98
CA GLU A 212 13.35 -11.56 7.84
C GLU A 212 12.72 -10.56 8.82
N ARG A 213 13.56 -9.70 9.38
CA ARG A 213 13.06 -8.63 10.23
C ARG A 213 12.62 -7.46 9.35
N VAL A 214 11.44 -6.91 9.64
CA VAL A 214 10.96 -5.73 8.94
C VAL A 214 11.97 -4.61 9.07
N SER A 215 12.35 -4.06 7.93
CA SER A 215 13.35 -3.01 7.88
C SER A 215 12.85 -1.76 7.15
N GLY A 216 11.71 -1.84 6.47
CA GLY A 216 11.24 -0.72 5.67
C GLY A 216 9.82 -0.96 5.17
N MET A 217 9.18 0.09 4.69
CA MET A 217 7.94 -0.05 3.94
C MET A 217 7.99 0.91 2.78
N ILE A 218 7.36 0.55 1.68
CA ILE A 218 7.39 1.35 0.47
C ILE A 218 5.96 1.59 -0.03
N ASP A 219 5.84 2.44 -1.04
CA ASP A 219 4.57 2.64 -1.76
C ASP A 219 3.50 3.23 -0.83
N TRP A 220 3.74 4.47 -0.41
CA TRP A 220 2.93 5.19 0.57
C TRP A 220 1.82 6.08 -0.01
N SER A 221 1.46 5.87 -1.27
N SER A 221 1.45 5.86 -1.27
CA SER A 221 0.52 6.76 -1.94
CA SER A 221 0.53 6.76 -1.95
C SER A 221 -0.81 6.85 -1.21
C SER A 221 -0.87 6.78 -1.35
N GLU A 222 -1.23 5.75 -0.58
CA GLU A 222 -2.54 5.68 0.04
C GLU A 222 -2.57 6.12 1.51
N ALA A 223 -1.45 6.62 2.01
CA ALA A 223 -1.34 6.96 3.41
C ALA A 223 -2.28 8.10 3.78
N ARG A 224 -2.82 8.03 4.98
CA ARG A 224 -3.85 8.96 5.44
C ARG A 224 -4.10 8.64 6.90
N VAL A 225 -4.94 9.43 7.55
CA VAL A 225 -5.39 9.12 8.89
C VAL A 225 -6.77 8.49 8.75
N ASP A 226 -6.93 7.27 9.25
CA ASP A 226 -8.14 6.50 8.96
C ASP A 226 -8.18 5.29 9.89
N ASP A 227 -9.05 4.35 9.57
CA ASP A 227 -9.30 3.14 10.35
C ASP A 227 -8.05 2.23 10.42
N PRO A 228 -7.58 1.91 11.63
CA PRO A 228 -6.37 1.10 11.73
C PRO A 228 -6.46 -0.23 11.02
N ALA A 229 -7.64 -0.80 10.96
CA ALA A 229 -7.80 -2.14 10.40
C ALA A 229 -7.46 -2.20 8.92
N ILE A 230 -7.43 -1.05 8.25
CA ILE A 230 -7.03 -0.97 6.86
C ILE A 230 -5.67 -1.64 6.67
N ASP A 231 -4.78 -1.47 7.65
CA ASP A 231 -3.41 -1.98 7.55
C ASP A 231 -3.25 -3.41 8.04
N MET A 232 -4.35 -4.07 8.41
CA MET A 232 -4.30 -5.42 8.94
C MET A 232 -5.00 -6.43 8.06
N ALA A 233 -5.88 -5.99 7.17
CA ALA A 233 -6.66 -6.94 6.36
C ALA A 233 -5.78 -7.83 5.47
N ALA A 234 -4.72 -7.25 4.88
CA ALA A 234 -3.91 -8.05 4.00
C ALA A 234 -3.08 -9.05 4.79
N HIS A 235 -2.78 -8.77 6.06
CA HIS A 235 -2.09 -9.74 6.88
C HIS A 235 -2.98 -10.97 7.11
N LEU A 236 -4.26 -10.72 7.39
CA LEU A 236 -5.23 -11.81 7.47
C LEU A 236 -5.31 -12.63 6.18
N MET A 237 -5.34 -11.94 5.04
N MET A 237 -5.30 -11.94 5.03
CA MET A 237 -5.37 -12.62 3.76
CA MET A 237 -5.40 -12.65 3.75
C MET A 237 -4.20 -13.62 3.66
C MET A 237 -4.19 -13.55 3.47
N VAL A 238 -3.00 -13.11 3.88
CA VAL A 238 -1.78 -13.82 3.57
C VAL A 238 -1.42 -14.87 4.61
N PHE A 239 -1.69 -14.55 5.87
CA PHE A 239 -1.27 -15.39 7.00
C PHE A 239 -2.41 -16.02 7.80
N GLY A 240 -3.65 -15.76 7.40
CA GLY A 240 -4.79 -16.43 7.96
C GLY A 240 -5.15 -15.98 9.36
N GLU A 241 -6.15 -16.64 9.93
CA GLU A 241 -6.59 -16.29 11.27
C GLU A 241 -5.50 -16.53 12.31
N GLU A 242 -4.65 -17.53 12.12
CA GLU A 242 -3.59 -17.78 13.10
C GLU A 242 -2.58 -16.63 13.06
N GLY A 243 -2.22 -16.19 11.86
CA GLY A 243 -1.35 -15.06 11.70
C GLY A 243 -1.95 -13.79 12.27
N LEU A 244 -3.24 -13.56 12.05
CA LEU A 244 -3.90 -12.39 12.59
C LEU A 244 -3.89 -12.42 14.11
N ALA A 245 -4.13 -13.58 14.69
CA ALA A 245 -4.15 -13.71 16.15
C ALA A 245 -2.81 -13.28 16.76
N LYS A 246 -1.72 -13.74 16.15
CA LYS A 246 -0.37 -13.42 16.63
C LYS A 246 -0.14 -11.92 16.48
N LEU A 247 -0.54 -11.39 15.35
CA LEU A 247 -0.38 -9.96 15.08
C LEU A 247 -1.06 -9.15 16.17
N LEU A 248 -2.31 -9.47 16.47
CA LEU A 248 -3.04 -8.62 17.41
C LEU A 248 -2.45 -8.68 18.80
N LEU A 249 -1.97 -9.84 19.24
N LEU A 249 -1.96 -9.84 19.23
CA LEU A 249 -1.39 -9.95 20.58
CA LEU A 249 -1.38 -9.96 20.56
C LEU A 249 -0.12 -9.08 20.69
C LEU A 249 -0.14 -9.09 20.68
N THR A 250 0.77 -9.19 19.71
CA THR A 250 2.01 -8.44 19.75
C THR A 250 1.80 -6.95 19.50
N TYR A 251 0.91 -6.62 18.57
CA TYR A 251 0.56 -5.21 18.32
C TYR A 251 0.09 -4.54 19.60
N GLU A 252 -0.83 -5.19 20.31
CA GLU A 252 -1.33 -4.63 21.55
C GLU A 252 -0.21 -4.51 22.59
N ALA A 253 0.62 -5.54 22.70
CA ALA A 253 1.70 -5.53 23.68
C ALA A 253 2.71 -4.42 23.38
N ALA A 254 2.85 -4.08 22.11
CA ALA A 254 3.76 -3.03 21.66
C ALA A 254 3.17 -1.63 21.79
N GLY A 255 1.95 -1.53 22.29
CA GLY A 255 1.35 -0.23 22.54
C GLY A 255 0.24 0.11 21.58
N GLY A 256 -0.02 -0.74 20.59
CA GLY A 256 -1.08 -0.47 19.63
C GLY A 256 -2.43 -0.52 20.29
N ARG A 257 -3.29 0.41 19.90
CA ARG A 257 -4.61 0.51 20.48
C ARG A 257 -5.56 -0.42 19.78
N VAL A 258 -6.26 -1.22 20.56
CA VAL A 258 -7.20 -2.19 19.98
C VAL A 258 -8.60 -1.93 20.53
N TRP A 259 -9.56 -2.67 20.01
CA TRP A 259 -10.93 -2.65 20.54
C TRP A 259 -11.47 -4.05 20.45
N PRO A 260 -12.55 -4.34 21.19
CA PRO A 260 -12.87 -5.76 21.36
C PRO A 260 -13.21 -6.50 20.05
N ARG A 261 -13.83 -5.83 19.09
CA ARG A 261 -14.22 -6.51 17.86
C ARG A 261 -13.27 -6.21 16.72
N LEU A 262 -12.04 -5.85 17.03
CA LEU A 262 -11.04 -5.60 16.00
C LEU A 262 -10.85 -6.77 15.03
N ALA A 263 -10.74 -8.00 15.52
CA ALA A 263 -10.46 -9.12 14.63
C ALA A 263 -11.63 -9.26 13.66
N HIS A 264 -12.84 -9.17 14.17
CA HIS A 264 -14.02 -9.23 13.33
C HIS A 264 -13.99 -8.13 12.26
N HIS A 265 -13.69 -6.91 12.68
CA HIS A 265 -13.67 -5.76 11.79
C HIS A 265 -12.65 -5.93 10.68
N ILE A 266 -11.49 -6.49 11.01
CA ILE A 266 -10.47 -6.76 9.99
C ILE A 266 -10.97 -7.73 8.93
N ALA A 267 -11.70 -8.76 9.33
CA ALA A 267 -12.25 -9.69 8.36
C ALA A 267 -13.27 -9.00 7.46
N GLU A 268 -14.08 -8.10 8.03
CA GLU A 268 -15.02 -7.35 7.21
C GLU A 268 -14.30 -6.40 6.26
N ARG A 269 -13.20 -5.80 6.71
CA ARG A 269 -12.36 -4.97 5.85
C ARG A 269 -11.76 -5.79 4.71
N LEU A 270 -11.39 -7.02 4.99
CA LEU A 270 -10.86 -7.88 3.96
C LEU A 270 -11.96 -8.16 2.90
N ALA A 271 -13.17 -8.47 3.34
CA ALA A 271 -14.28 -8.68 2.40
C ALA A 271 -14.53 -7.44 1.56
N PHE A 272 -14.42 -6.28 2.20
CA PHE A 272 -14.56 -5.00 1.54
C PHE A 272 -13.50 -4.76 0.44
N GLY A 273 -12.41 -5.53 0.46
CA GLY A 273 -11.44 -5.48 -0.62
C GLY A 273 -12.05 -5.66 -2.02
N ALA A 274 -13.16 -6.38 -2.12
CA ALA A 274 -13.84 -6.53 -3.42
C ALA A 274 -14.32 -5.19 -3.96
N VAL A 275 -14.76 -4.33 -3.05
CA VAL A 275 -15.18 -2.97 -3.41
C VAL A 275 -13.99 -2.17 -3.90
N THR A 276 -12.91 -2.17 -3.14
CA THR A 276 -11.73 -1.44 -3.52
C THR A 276 -11.23 -1.89 -4.88
N TYR A 277 -11.17 -3.21 -5.09
CA TYR A 277 -10.73 -3.74 -6.37
C TYR A 277 -11.64 -3.29 -7.52
N ALA A 278 -12.95 -3.35 -7.30
CA ALA A 278 -13.88 -2.95 -8.35
C ALA A 278 -13.73 -1.48 -8.72
N LEU A 279 -13.54 -0.62 -7.72
CA LEU A 279 -13.38 0.78 -8.00
C LEU A 279 -12.06 1.10 -8.70
N PHE A 280 -11.00 0.39 -8.31
CA PHE A 280 -9.74 0.50 -9.02
C PHE A 280 -9.93 0.10 -10.47
N ALA A 281 -10.63 -1.01 -10.68
CA ALA A 281 -10.89 -1.47 -12.04
C ALA A 281 -11.66 -0.43 -12.84
N LEU A 282 -12.71 0.09 -12.24
CA LEU A 282 -13.54 1.08 -12.88
C LEU A 282 -12.74 2.34 -13.24
N ASP A 283 -11.97 2.84 -12.29
CA ASP A 283 -11.23 4.09 -12.47
C ASP A 283 -10.09 3.87 -13.45
N SER A 284 -9.60 2.64 -13.54
CA SER A 284 -8.50 2.32 -14.47
C SER A 284 -8.94 2.29 -15.94
N GLY A 285 -10.19 1.91 -16.18
CA GLY A 285 -10.68 1.70 -17.53
C GLY A 285 -10.13 0.45 -18.18
N ASN A 286 -9.35 -0.34 -17.43
CA ASN A 286 -8.78 -1.56 -17.98
C ASN A 286 -9.78 -2.70 -18.02
N GLU A 287 -10.04 -3.24 -19.20
CA GLU A 287 -11.10 -4.23 -19.34
C GLU A 287 -10.80 -5.56 -18.66
N GLU A 288 -9.52 -5.92 -18.53
CA GLU A 288 -9.17 -7.15 -17.86
C GLU A 288 -9.49 -7.05 -16.37
N TYR A 289 -9.13 -5.92 -15.79
CA TYR A 289 -9.43 -5.68 -14.39
C TYR A 289 -10.94 -5.62 -14.19
N LEU A 290 -11.62 -4.94 -15.09
CA LEU A 290 -13.08 -4.86 -14.99
C LEU A 290 -13.74 -6.24 -15.08
N ALA A 291 -13.27 -7.08 -15.98
CA ALA A 291 -13.86 -8.40 -16.14
C ALA A 291 -13.72 -9.20 -14.85
N ALA A 292 -12.54 -9.10 -14.24
CA ALA A 292 -12.31 -9.78 -12.98
C ALA A 292 -13.20 -9.22 -11.88
N ALA A 293 -13.30 -7.90 -11.81
CA ALA A 293 -14.09 -7.25 -10.77
C ALA A 293 -15.56 -7.64 -10.89
N LYS A 294 -16.12 -7.56 -12.08
CA LYS A 294 -17.53 -7.87 -12.24
C LYS A 294 -17.82 -9.31 -11.85
N ALA A 295 -16.91 -10.21 -12.23
CA ALA A 295 -17.09 -11.60 -11.90
C ALA A 295 -17.07 -11.82 -10.40
N GLN A 296 -16.11 -11.17 -9.72
CA GLN A 296 -16.05 -11.28 -8.27
C GLN A 296 -17.32 -10.74 -7.61
N LEU A 297 -17.75 -9.55 -8.01
CA LEU A 297 -18.89 -8.92 -7.36
C LEU A 297 -20.19 -9.69 -7.54
N ALA A 298 -20.38 -10.30 -8.70
CA ALA A 298 -21.59 -11.04 -8.98
C ALA A 298 -21.63 -12.37 -8.25
N ALA A 299 -20.45 -12.90 -7.96
CA ALA A 299 -20.30 -14.20 -7.31
C ALA A 299 -20.65 -14.19 -5.83
N ALA A 300 -21.21 -15.30 -5.41
CA ALA A 300 -21.40 -15.53 -3.99
C ALA A 300 -20.03 -15.62 -3.33
N GLU A 301 -19.88 -15.00 -2.17
N GLU A 301 -19.92 -15.02 -2.16
CA GLU A 301 -18.62 -15.05 -1.43
CA GLU A 301 -18.75 -15.20 -1.31
C GLU A 301 -18.58 -16.30 -0.57
C GLU A 301 -18.70 -16.65 -0.87
C1 IPA B . -9.02 13.53 15.54
C2 IPA B . -9.01 12.27 14.68
C3 IPA B . -8.68 12.64 13.25
O2 IPA B . -10.28 11.64 14.70
H11 IPA B . -10.02 13.66 15.97
H12 IPA B . -8.29 13.44 16.34
H13 IPA B . -8.79 14.39 14.92
H2 IPA B . -8.26 11.58 15.06
H31 IPA B . -9.48 12.34 12.60
H32 IPA B . -8.55 13.73 13.18
H33 IPA B . -7.75 12.15 12.94
HO2 IPA B . -10.22 10.80 15.19
C10 ZIO C . -1.84 -9.86 -7.58
C11 ZIO C . -2.14 -10.19 -6.15
C12 ZIO C . -1.02 -10.84 -5.31
C13 ZIO C . -1.40 -11.39 -3.92
O2 ZIO C . -1.55 -10.32 -2.97
C2 ZIO C . -2.78 -8.68 -1.63
C3 ZIO C . -3.70 -7.78 -2.46
C4 ZIO C . -2.89 -6.78 -3.29
C5 ZIO C . -3.76 -6.14 -4.45
C6 ZIO C . -3.99 -7.10 -5.65
C7 ZIO C . -2.89 -6.96 -6.70
C8 ZIO C . -3.07 -7.60 -8.09
C9 ZIO C . -3.00 -9.11 -8.21
O11 ZIO C . -3.92 -9.71 -8.77
C1 ZIO C . -2.66 -10.10 -2.16
O1 ZIO C . -3.68 -10.78 -2.19
O3 ZIO C . -4.66 -7.21 -1.58
O7 ZIO C . -3.17 -4.94 -4.87
C34 ZIO C . -1.55 -11.13 -8.36
C33 ZIO C . -3.94 -6.95 -8.99
C35 ZIO C . 0.43 -10.44 -5.59
O12 ZIO C . -3.29 -11.01 -6.02
C36 ZIO C . -0.34 -12.30 -3.45
C30 ZIO C . -3.26 -8.81 -0.20
C32 ZIO C . -5.37 -6.77 -6.25
C22 ZIO C . -3.87 -3.75 -4.54
C23 ZIO C . -2.93 -2.66 -4.81
C24 ZIO C . -3.64 -1.39 -4.60
C25 ZIO C . -4.80 -1.31 -5.43
C26 ZIO C . -5.73 -2.44 -5.17
O9 ZIO C . -5.03 -3.69 -5.34
N1 ZIO C . -2.66 -0.21 -4.81
C27 ZIO C . -6.90 -2.44 -6.08
O8 ZIO C . -1.78 -2.76 -3.99
C28 ZIO C . -3.29 1.08 -4.55
C14 ZIO C . -6.01 -7.57 -1.65
C15 ZIO C . -6.66 -7.28 -0.34
C16 ZIO C . -6.75 -5.82 -0.07
C17 ZIO C . -7.56 -5.14 -1.02
C18 ZIO C . -7.18 -5.52 -2.40
O4 ZIO C . -6.60 -6.89 -2.72
O5 ZIO C . -7.28 -5.66 1.26
O6 ZIO C . -7.51 -3.70 -0.84
O10 ZIO C . -2.53 -6.86 -9.16
C20 ZIO C . -6.82 -4.62 2.05
C29 ZIO C . -2.12 -0.19 -6.11
C21 ZIO C . -7.72 -4.74 -3.51
C31 ZIO C . -2.31 -5.65 -2.38
H10 ZIO C . -1.10 -9.24 -7.63
H11 ZIO C . -2.37 -9.37 -5.71
H12 ZIO C . -1.04 -10.01 -4.81
H13 ZIO C . -2.22 -11.89 -3.99
HB ZIO C . -1.90 -8.29 -1.63
H3 ZIO C . -4.16 -8.36 -3.07
H4 ZIO C . -2.15 -7.20 -3.74
H5 ZIO C . -4.59 -5.90 -4.08
H6 ZIO C . -4.06 -8.02 -5.36
H7C1 ZIO C . -2.77 -6.01 -6.83
H7C2 ZIO C . -2.09 -7.31 -6.32
H341 ZIO C . -1.27 -10.91 -9.26
H342 ZIO C . -0.83 -11.63 -7.90
H343 ZIO C . -2.36 -11.70 -8.39
H331 ZIO C . -4.39 -7.54 -9.61
H332 ZIO C . -4.38 -6.17 -8.66
H351 ZIO C . 0.91 -10.35 -4.74
H352 ZIO C . 0.87 -11.13 -6.13
H353 ZIO C . 0.45 -9.59 -6.06
HA ZIO C . -3.09 -11.87 -6.22
H361 ZIO C . -0.03 -12.85 -4.20
H362 ZIO C . -0.68 -12.88 -2.75
H363 ZIO C . 0.42 -11.78 -3.11
H301 ZIO C . -2.65 -9.39 0.29
H302 ZIO C . -3.27 -7.93 0.22
H303 ZIO C . -4.15 -9.18 -0.18
H321 ZIO C . -5.62 -7.46 -6.90
H322 ZIO C . -6.03 -6.75 -5.53
H323 ZIO C . -5.33 -5.90 -6.69
H22 ZIO C . -4.11 -3.75 -3.60
H23 ZIO C . -2.69 -2.71 -5.75
H24 ZIO C . -3.93 -1.42 -3.68
H251 ZIO C . -4.56 -1.34 -6.36
H252 ZIO C . -5.27 -0.49 -5.24
H26 ZIO C . -6.02 -2.35 -4.23
H271 ZIO C . -7.35 -3.29 -6.03
H272 ZIO C . -7.52 -1.71 -5.82
H273 ZIO C . -6.59 -2.29 -7.00
H8 ZIO C . -1.05 -2.50 -4.47
H281 ZIO C . -2.60 1.79 -4.59
H282 ZIO C . -3.70 1.08 -3.68
H283 ZIO C . -3.98 1.27 -5.24
H14 ZIO C . -6.07 -8.51 -1.80
H151 ZIO C . -7.56 -7.64 -0.36
H152 ZIO C . -6.16 -7.70 0.37
H16 ZIO C . -5.86 -5.43 -0.05
H17 ZIO C . -8.50 -5.41 -0.91
H18 ZIO C . -8.03 -5.99 -2.44
HC ZIO C . -8.32 -3.39 -0.66
H201 ZIO C . -6.87 -4.88 2.99
H202 ZIO C . -7.36 -3.83 1.90
H203 ZIO C . -5.88 -4.42 1.82
H291 ZIO C . -1.33 0.42 -6.12
H292 ZIO C . -2.78 0.14 -6.71
H293 ZIO C . -1.85 -1.09 -6.37
H211 ZIO C . -8.69 -4.84 -3.55
H212 ZIO C . -7.50 -3.80 -3.38
H213 ZIO C . -7.33 -5.05 -4.36
H311 ZIO C . -3.03 -5.03 -2.12
H312 ZIO C . -1.93 -6.06 -1.57
H313 ZIO C . -1.62 -5.17 -2.86
O5' GMP D . 7.05 0.71 -6.34
C5' GMP D . 6.83 -0.33 -7.30
C4' GMP D . 7.46 -1.67 -6.94
O4' GMP D . 8.90 -1.63 -7.15
C3' GMP D . 7.30 -2.15 -5.50
O3' GMP D . 6.07 -2.82 -5.28
C2' GMP D . 8.52 -3.04 -5.29
O2' GMP D . 8.33 -4.32 -5.88
C1' GMP D . 9.57 -2.30 -6.10
N9 GMP D . 10.28 -1.28 -5.30
C8 GMP D . 10.11 0.09 -5.39
N7 GMP D . 10.93 0.69 -4.52
C5 GMP D . 11.68 -0.29 -3.88
C6 GMP D . 12.71 -0.27 -2.89
O6 GMP D . 13.22 0.88 -2.40
N1 GMP D . 13.25 -1.43 -2.46
C2 GMP D . 12.79 -2.68 -2.97
N2 GMP D . 13.40 -3.82 -2.47
N3 GMP D . 11.81 -2.75 -3.95
C4 GMP D . 11.27 -1.56 -4.37
HO5' GMP D . 6.73 1.47 -6.65
H5'1 GMP D . 5.87 -0.46 -7.39
H5'2 GMP D . 7.18 -0.04 -8.15
H4' GMP D . 7.08 -2.34 -7.52
H3' GMP D . 7.36 -1.39 -4.90
HO3' GMP D . 5.65 -2.46 -4.59
H2' GMP D . 8.76 -3.11 -4.36
HO2' GMP D . 8.63 -4.96 -5.33
H1' GMP D . 10.20 -2.94 -6.47
H8 GMP D . 9.48 0.52 -5.97
HN1 GMP D . 13.91 -1.43 -1.83
HN21 GMP D . 13.09 -4.21 -1.70
HN22 GMP D . 14.10 -4.18 -2.90
#